data_3AXE
#
_entry.id   3AXE
#
_cell.length_a   40.091
_cell.length_b   70.404
_cell.length_c   76.589
_cell.angle_alpha   90.00
_cell.angle_beta   90.00
_cell.angle_gamma   90.00
#
_symmetry.space_group_name_H-M   'P 21 21 21'
#
loop_
_entity.id
_entity.type
_entity.pdbx_description
1 polymer Beta-glucanase
2 branched beta-D-glucopyranose-(1-4)-beta-D-glucopyranose
3 non-polymer 2-AMINO-2-HYDROXYMETHYL-PROPANE-1,3-DIOL
4 non-polymer 'CALCIUM ION'
5 water water
#
_entity_poly.entity_id   1
_entity_poly.type   'polypeptide(L)'
_entity_poly.pdbx_seq_one_letter_code
;MVSMKDFSGAELYTLEEYQYGKFEARMKMAAASGTVSSMFLYQNGSEIADGRPWVEVDIEVLGKSPGSFQSNIITGKAGA
QKTSEKHHAVSPAADQAFHTYGLEWTPNYVRWTVDGQEVRKTEGGQVSNLTGTQGLRFNLWSSESAAWVGQFDESKLPLF
QFINWVKVYKYTPGQGEGGSDFTLDWTDNFDTFDGSRWGKGDYTFDGNRVDLTDKNIYSRDGMLILALTRKGQESFNGQV
PRDDEPAPL
;
_entity_poly.pdbx_strand_id   A
#
loop_
_chem_comp.id
_chem_comp.type
_chem_comp.name
_chem_comp.formula
BGC D-saccharide, beta linking beta-D-glucopyranose 'C6 H12 O6'
CA non-polymer 'CALCIUM ION' 'Ca 2'
TRS non-polymer 2-AMINO-2-HYDROXYMETHYL-PROPANE-1,3-DIOL 'C4 H12 N O3 1'
#
# COMPACT_ATOMS: atom_id res chain seq x y z
N MET A 4 11.29 1.36 18.73
CA MET A 4 11.74 2.51 19.56
C MET A 4 11.39 3.89 19.02
N LYS A 5 10.56 3.96 17.98
CA LYS A 5 10.22 5.25 17.41
C LYS A 5 9.05 5.93 18.12
N ASP A 6 8.84 7.22 17.81
CA ASP A 6 7.83 8.05 18.47
C ASP A 6 6.42 8.04 17.90
N PHE A 7 6.22 7.37 16.77
CA PHE A 7 4.91 7.33 16.12
C PHE A 7 4.55 5.91 15.76
N SER A 8 3.25 5.66 15.64
CA SER A 8 2.77 4.32 15.30
C SER A 8 1.96 4.33 14.01
N GLY A 9 2.38 3.48 13.08
CA GLY A 9 1.69 3.33 11.80
C GLY A 9 1.19 1.90 11.71
N ALA A 10 0.84 1.44 10.53
CA ALA A 10 0.33 0.09 10.40
C ALA A 10 0.54 -0.49 9.04
N GLU A 11 0.58 -1.81 8.99
CA GLU A 11 0.74 -2.51 7.72
C GLU A 11 -0.05 -3.79 7.71
N LEU A 12 -0.88 -3.93 6.68
CA LEU A 12 -1.70 -5.13 6.47
C LEU A 12 -1.03 -5.89 5.33
N TYR A 13 -0.78 -7.18 5.50
CA TYR A 13 -0.13 -7.94 4.43
C TYR A 13 -0.70 -9.35 4.26
N THR A 14 -0.76 -9.83 3.04
CA THR A 14 -1.23 -11.19 2.83
C THR A 14 -0.17 -12.16 3.34
N LEU A 15 -0.61 -13.22 4.02
CA LEU A 15 0.34 -14.21 4.50
C LEU A 15 0.95 -14.94 3.31
N GLU A 16 0.17 -15.14 2.25
CA GLU A 16 0.68 -15.80 1.07
C GLU A 16 1.26 -14.83 0.04
N GLU A 17 2.12 -15.34 -0.83
CA GLU A 17 2.66 -14.53 -1.92
C GLU A 17 2.23 -15.24 -3.20
N TYR A 18 2.16 -14.49 -4.29
CA TYR A 18 1.70 -15.05 -5.55
C TYR A 18 2.60 -14.70 -6.72
N GLN A 19 2.59 -15.56 -7.75
CA GLN A 19 3.36 -15.26 -8.95
C GLN A 19 2.35 -14.79 -10.00
N TYR A 20 2.36 -13.48 -10.23
CA TYR A 20 1.48 -12.77 -11.18
C TYR A 20 0.06 -12.72 -10.65
N GLY A 21 -0.75 -11.88 -11.27
CA GLY A 21 -2.14 -11.77 -10.84
C GLY A 21 -2.68 -10.36 -10.98
N LYS A 22 -3.92 -10.20 -10.54
CA LYS A 22 -4.59 -8.90 -10.53
C LYS A 22 -5.02 -8.68 -9.08
N PHE A 23 -4.83 -7.48 -8.59
CA PHE A 23 -5.13 -7.17 -7.20
C PHE A 23 -5.90 -5.86 -7.14
N GLU A 24 -7.07 -5.88 -6.51
CA GLU A 24 -7.88 -4.67 -6.39
C GLU A 24 -8.26 -4.40 -4.94
N ALA A 25 -8.29 -3.11 -4.59
CA ALA A 25 -8.67 -2.71 -3.25
C ALA A 25 -9.50 -1.44 -3.34
N ARG A 26 -10.61 -1.43 -2.61
CA ARG A 26 -11.52 -0.28 -2.56
C ARG A 26 -11.11 0.50 -1.33
N MET A 27 -10.54 1.69 -1.52
CA MET A 27 -10.02 2.41 -0.37
C MET A 27 -10.18 3.91 -0.40
N LYS A 28 -10.14 4.47 0.81
CA LYS A 28 -10.14 5.92 1.00
C LYS A 28 -8.79 6.08 1.71
N MET A 29 -7.86 6.78 1.05
CA MET A 29 -6.52 6.94 1.58
C MET A 29 -6.38 8.04 2.60
N ALA A 30 -5.25 8.05 3.30
CA ALA A 30 -4.98 9.06 4.31
C ALA A 30 -3.91 9.98 3.74
N ALA A 31 -3.96 11.25 4.14
CA ALA A 31 -2.96 12.18 3.64
C ALA A 31 -2.82 13.43 4.48
N ALA A 32 -1.58 13.75 4.81
CA ALA A 32 -1.23 14.97 5.52
C ALA A 32 0.22 15.17 5.13
N SER A 33 0.70 16.40 5.17
CA SER A 33 2.10 16.61 4.83
C SER A 33 2.96 15.62 5.62
N GLY A 34 3.83 14.90 4.91
CA GLY A 34 4.74 13.96 5.53
C GLY A 34 4.33 12.49 5.55
N THR A 35 3.13 12.17 5.10
CA THR A 35 2.69 10.78 5.16
C THR A 35 2.77 10.00 3.87
N VAL A 36 2.67 8.68 4.00
CA VAL A 36 2.67 7.76 2.87
C VAL A 36 1.53 6.79 3.18
N SER A 37 0.62 6.64 2.23
CA SER A 37 -0.57 5.78 2.36
C SER A 37 -0.50 4.92 1.10
N SER A 38 -0.44 3.61 1.30
CA SER A 38 -0.19 2.75 0.15
C SER A 38 -0.93 1.47 -0.07
N MET A 39 -0.66 0.92 -1.26
CA MET A 39 -1.09 -0.40 -1.71
C MET A 39 0.10 -0.85 -2.55
N PHE A 40 0.67 -2.01 -2.22
CA PHE A 40 1.81 -2.48 -2.97
C PHE A 40 1.98 -3.99 -2.98
N LEU A 41 2.69 -4.46 -4.00
CA LEU A 41 3.05 -5.86 -4.10
C LEU A 41 4.49 -5.89 -3.58
N TYR A 42 4.83 -6.92 -2.80
CA TYR A 42 6.16 -7.00 -2.21
C TYR A 42 6.67 -8.41 -2.04
N GLN A 43 7.93 -8.64 -2.47
CA GLN A 43 8.55 -9.95 -2.31
C GLN A 43 9.26 -9.83 -0.96
N ASN A 44 8.68 -10.43 0.07
CA ASN A 44 9.25 -10.31 1.41
C ASN A 44 10.71 -10.73 1.46
N GLY A 45 11.52 -9.92 2.12
CA GLY A 45 12.94 -10.22 2.23
C GLY A 45 13.78 -9.40 1.25
N SER A 46 13.11 -8.73 0.33
CA SER A 46 13.80 -7.89 -0.66
C SER A 46 14.73 -6.88 0.02
N GLU A 47 14.38 -6.47 1.23
CA GLU A 47 15.16 -5.47 1.95
C GLU A 47 16.49 -5.95 2.50
N ILE A 48 16.71 -7.25 2.44
CA ILE A 48 17.96 -7.85 2.94
C ILE A 48 19.06 -7.73 1.90
N ALA A 49 20.17 -7.12 2.31
CA ALA A 49 21.29 -6.90 1.40
C ALA A 49 22.26 -8.09 1.33
N ASP A 50 21.73 -9.24 0.95
CA ASP A 50 22.56 -10.43 0.84
C ASP A 50 22.73 -10.88 -0.61
N GLY A 51 22.44 -9.98 -1.55
CA GLY A 51 22.61 -10.31 -2.95
C GLY A 51 21.33 -10.71 -3.70
N ARG A 52 20.28 -11.00 -2.96
CA ARG A 52 19.01 -11.40 -3.56
C ARG A 52 18.37 -10.19 -4.25
N PRO A 53 17.48 -10.45 -5.23
CA PRO A 53 16.84 -9.33 -5.92
C PRO A 53 15.76 -8.62 -5.12
N TRP A 54 15.47 -7.39 -5.53
CA TRP A 54 14.41 -6.61 -4.91
C TRP A 54 13.26 -6.71 -5.90
N VAL A 55 12.06 -7.02 -5.42
CA VAL A 55 10.90 -7.13 -6.29
C VAL A 55 9.73 -6.46 -5.59
N GLU A 56 9.24 -5.36 -6.16
CA GLU A 56 8.16 -4.59 -5.53
C GLU A 56 7.47 -3.70 -6.56
N VAL A 57 6.15 -3.55 -6.40
CA VAL A 57 5.32 -2.71 -7.28
C VAL A 57 4.48 -1.82 -6.36
N ASP A 58 4.55 -0.51 -6.56
CA ASP A 58 3.86 0.43 -5.65
C ASP A 58 2.80 1.39 -6.17
N ILE A 59 1.91 1.74 -5.24
CA ILE A 59 0.89 2.79 -5.37
C ILE A 59 1.07 3.51 -4.02
N GLU A 60 1.53 4.75 -4.06
CA GLU A 60 1.73 5.50 -2.82
C GLU A 60 1.18 6.92 -2.88
N VAL A 61 0.23 7.23 -2.01
CA VAL A 61 -0.28 8.61 -1.96
C VAL A 61 0.66 9.34 -1.03
N LEU A 62 1.30 10.39 -1.54
CA LEU A 62 2.25 11.17 -0.74
C LEU A 62 1.41 12.26 -0.07
N GLY A 63 1.54 12.36 1.25
CA GLY A 63 0.75 13.29 2.05
C GLY A 63 0.52 14.70 1.59
N LYS A 64 1.55 15.32 1.04
CA LYS A 64 1.44 16.70 0.58
C LYS A 64 0.66 16.85 -0.72
N SER A 65 0.36 15.74 -1.38
CA SER A 65 -0.36 15.77 -2.65
C SER A 65 -1.47 14.72 -2.72
N PRO A 66 -2.53 14.89 -1.91
CA PRO A 66 -3.65 13.95 -1.86
C PRO A 66 -4.44 13.79 -3.15
N GLY A 67 -4.21 14.70 -4.10
CA GLY A 67 -4.93 14.64 -5.36
C GLY A 67 -4.23 13.80 -6.41
N SER A 68 -3.29 12.97 -5.97
CA SER A 68 -2.56 12.12 -6.90
C SER A 68 -1.86 11.01 -6.14
N PHE A 69 -1.30 10.06 -6.88
CA PHE A 69 -0.54 9.00 -6.24
C PHE A 69 0.68 8.72 -7.11
N GLN A 70 1.73 8.20 -6.47
CA GLN A 70 2.96 7.86 -7.16
C GLN A 70 2.99 6.37 -7.46
N SER A 71 3.29 6.02 -8.69
CA SER A 71 3.40 4.61 -9.06
C SER A 71 4.89 4.33 -9.08
N ASN A 72 5.27 3.08 -8.87
CA ASN A 72 6.70 2.75 -8.89
C ASN A 72 6.89 1.25 -9.07
N ILE A 73 8.04 0.88 -9.62
CA ILE A 73 8.43 -0.51 -9.72
C ILE A 73 9.84 -0.47 -9.18
N ILE A 74 10.14 -1.33 -8.19
CA ILE A 74 11.47 -1.36 -7.64
C ILE A 74 12.11 -2.72 -7.90
N THR A 75 13.20 -2.69 -8.65
CA THR A 75 13.95 -3.89 -8.97
C THR A 75 15.39 -3.62 -8.59
N GLY A 76 16.30 -4.48 -9.04
CA GLY A 76 17.69 -4.32 -8.68
C GLY A 76 17.91 -5.09 -7.39
N LYS A 77 18.58 -4.48 -6.42
CA LYS A 77 18.83 -5.14 -5.14
C LYS A 77 19.01 -4.10 -4.04
N ALA A 78 18.88 -4.52 -2.79
CA ALA A 78 19.02 -3.60 -1.68
C ALA A 78 20.34 -2.85 -1.80
N GLY A 79 20.29 -1.53 -1.63
CA GLY A 79 21.48 -0.72 -1.74
C GLY A 79 21.76 -0.29 -3.17
N ALA A 80 21.10 -0.93 -4.13
CA ALA A 80 21.27 -0.62 -5.54
C ALA A 80 19.95 -0.84 -6.27
N GLN A 81 18.95 -0.07 -5.89
CA GLN A 81 17.62 -0.17 -6.49
C GLN A 81 17.50 0.52 -7.82
N LYS A 82 16.61 0.00 -8.66
CA LYS A 82 16.30 0.61 -9.95
C LYS A 82 14.84 1.00 -9.71
N THR A 83 14.49 2.24 -10.00
CA THR A 83 13.13 2.72 -9.77
C THR A 83 12.60 3.41 -11.01
N SER A 84 11.32 3.76 -10.98
CA SER A 84 10.66 4.41 -12.11
C SER A 84 9.43 5.17 -11.62
N GLU A 85 9.63 6.09 -10.68
CA GLU A 85 8.50 6.85 -10.14
C GLU A 85 7.77 7.69 -11.19
N LYS A 86 6.45 7.67 -11.10
CA LYS A 86 5.57 8.45 -11.97
C LYS A 86 4.39 8.88 -11.10
N HIS A 87 3.71 9.94 -11.48
CA HIS A 87 2.57 10.45 -10.73
C HIS A 87 1.31 10.44 -11.55
N HIS A 88 0.18 10.24 -10.87
CA HIS A 88 -1.13 10.15 -11.53
C HIS A 88 -2.22 10.81 -10.74
N ALA A 89 -2.98 11.67 -11.39
CA ALA A 89 -4.04 12.38 -10.71
C ALA A 89 -5.20 11.47 -10.33
N VAL A 90 -5.83 11.79 -9.20
CA VAL A 90 -6.98 11.06 -8.68
C VAL A 90 -8.05 12.10 -8.34
N SER A 91 -9.27 11.89 -8.82
CA SER A 91 -10.36 12.83 -8.55
C SER A 91 -11.68 12.11 -8.27
N PRO A 92 -12.34 12.41 -7.13
CA PRO A 92 -11.93 13.37 -6.10
C PRO A 92 -10.61 12.93 -5.47
N ALA A 93 -10.07 13.79 -4.60
CA ALA A 93 -8.79 13.50 -3.93
C ALA A 93 -8.83 12.14 -3.25
N ALA A 94 -7.68 11.48 -3.21
CA ALA A 94 -7.57 10.14 -2.64
C ALA A 94 -8.04 10.04 -1.21
N ASP A 95 -7.94 11.14 -0.46
CA ASP A 95 -8.33 11.15 0.94
C ASP A 95 -9.74 11.74 1.13
N GLN A 96 -10.43 11.98 0.02
CA GLN A 96 -11.78 12.56 0.07
C GLN A 96 -12.86 11.63 -0.45
N ALA A 97 -12.47 10.50 -1.04
CA ALA A 97 -13.46 9.59 -1.57
C ALA A 97 -12.86 8.21 -1.75
N PHE A 98 -13.71 7.19 -1.83
CA PHE A 98 -13.24 5.84 -2.07
C PHE A 98 -12.97 5.70 -3.57
N HIS A 99 -11.94 4.94 -3.91
CA HIS A 99 -11.58 4.65 -5.29
C HIS A 99 -11.16 3.19 -5.31
N THR A 100 -11.23 2.55 -6.47
CA THR A 100 -10.79 1.17 -6.57
C THR A 100 -9.43 1.20 -7.25
N TYR A 101 -8.41 0.83 -6.49
CA TYR A 101 -7.06 0.81 -6.99
C TYR A 101 -6.72 -0.58 -7.45
N GLY A 102 -6.19 -0.70 -8.66
CA GLY A 102 -5.85 -2.01 -9.17
C GLY A 102 -4.42 -2.14 -9.66
N LEU A 103 -3.86 -3.32 -9.45
CA LEU A 103 -2.52 -3.66 -9.91
C LEU A 103 -2.63 -4.98 -10.68
N GLU A 104 -2.09 -4.99 -11.90
CA GLU A 104 -2.09 -6.18 -12.74
C GLU A 104 -0.62 -6.47 -13.00
N TRP A 105 -0.21 -7.71 -12.80
CA TRP A 105 1.19 -8.08 -12.99
C TRP A 105 1.29 -9.42 -13.70
N THR A 106 1.98 -9.42 -14.84
CA THR A 106 2.17 -10.63 -15.63
C THR A 106 3.66 -10.68 -16.04
N PRO A 107 4.08 -11.73 -16.78
CA PRO A 107 5.48 -11.81 -17.19
C PRO A 107 5.89 -10.65 -18.10
N ASN A 108 4.90 -10.07 -18.77
CA ASN A 108 5.14 -9.00 -19.72
C ASN A 108 4.89 -7.56 -19.32
N TYR A 109 3.95 -7.34 -18.40
CA TYR A 109 3.66 -5.96 -18.02
C TYR A 109 3.14 -5.81 -16.63
N VAL A 110 3.10 -4.56 -16.17
CA VAL A 110 2.51 -4.20 -14.89
C VAL A 110 1.58 -3.05 -15.28
N ARG A 111 0.35 -3.13 -14.82
CA ARG A 111 -0.65 -2.11 -15.13
C ARG A 111 -1.28 -1.56 -13.86
N TRP A 112 -1.46 -0.25 -13.80
CA TRP A 112 -2.07 0.44 -12.66
C TRP A 112 -3.41 0.98 -13.12
N THR A 113 -4.46 0.72 -12.35
CA THR A 113 -5.78 1.24 -12.70
C THR A 113 -6.45 1.94 -11.52
N VAL A 114 -7.27 2.93 -11.84
CA VAL A 114 -8.03 3.63 -10.82
C VAL A 114 -9.45 3.59 -11.36
N ASP A 115 -10.34 2.98 -10.60
CA ASP A 115 -11.74 2.83 -10.97
C ASP A 115 -11.88 2.20 -12.35
N GLY A 116 -11.06 1.17 -12.58
CA GLY A 116 -11.09 0.41 -13.82
C GLY A 116 -10.36 1.00 -15.01
N GLN A 117 -9.86 2.23 -14.87
CA GLN A 117 -9.17 2.89 -15.96
C GLN A 117 -7.65 2.92 -15.80
N GLU A 118 -6.96 2.60 -16.88
CA GLU A 118 -5.52 2.55 -16.90
C GLU A 118 -4.85 3.91 -16.76
N VAL A 119 -3.93 4.04 -15.80
CA VAL A 119 -3.20 5.29 -15.62
C VAL A 119 -1.72 5.07 -15.96
N ARG A 120 -1.30 3.81 -16.00
CA ARG A 120 0.08 3.46 -16.33
C ARG A 120 0.19 1.98 -16.71
N LYS A 121 1.01 1.69 -17.72
CA LYS A 121 1.29 0.30 -18.12
C LYS A 121 2.74 0.26 -18.55
N THR A 122 3.56 -0.47 -17.81
CA THR A 122 4.99 -0.59 -18.12
C THR A 122 5.29 -1.99 -18.61
N GLU A 123 6.14 -2.10 -19.63
CA GLU A 123 6.51 -3.39 -20.21
C GLU A 123 8.01 -3.54 -20.33
N GLY A 124 8.47 -4.80 -20.34
CA GLY A 124 9.89 -5.07 -20.47
C GLY A 124 10.72 -4.43 -19.38
N GLY A 125 12.03 -4.38 -19.60
CA GLY A 125 12.95 -3.79 -18.64
C GLY A 125 12.77 -4.32 -17.23
N GLN A 126 12.37 -3.43 -16.34
CA GLN A 126 12.15 -3.79 -14.94
C GLN A 126 11.16 -4.93 -14.78
N VAL A 127 10.13 -4.95 -15.61
CA VAL A 127 9.10 -5.97 -15.49
C VAL A 127 9.70 -7.37 -15.62
N SER A 128 10.70 -7.52 -16.49
CA SER A 128 11.32 -8.83 -16.68
C SER A 128 12.08 -9.25 -15.42
N ASN A 129 12.37 -8.29 -14.54
CA ASN A 129 13.09 -8.60 -13.33
C ASN A 129 12.19 -8.75 -12.10
N LEU A 130 10.88 -8.73 -12.30
CA LEU A 130 9.94 -8.93 -11.19
C LEU A 130 9.68 -10.42 -11.19
N THR A 131 10.73 -11.18 -10.90
CA THR A 131 10.66 -12.62 -10.86
C THR A 131 10.16 -13.10 -9.50
N GLY A 132 9.76 -14.35 -9.42
CA GLY A 132 9.31 -14.86 -8.14
C GLY A 132 7.90 -14.44 -7.78
N THR A 133 7.65 -14.41 -6.47
CA THR A 133 6.34 -14.09 -5.94
C THR A 133 6.28 -12.77 -5.19
N GLN A 134 5.07 -12.27 -5.00
CA GLN A 134 4.85 -11.05 -4.22
C GLN A 134 3.57 -11.17 -3.47
N GLY A 135 3.55 -10.61 -2.24
CA GLY A 135 2.34 -10.59 -1.46
C GLY A 135 1.73 -9.21 -1.64
N LEU A 136 0.44 -9.08 -1.30
CA LEU A 136 -0.28 -7.81 -1.41
C LEU A 136 -0.26 -7.14 -0.05
N ARG A 137 0.15 -5.87 -0.03
CA ARG A 137 0.27 -5.13 1.22
C ARG A 137 -0.28 -3.72 1.13
N PHE A 138 -0.55 -3.17 2.31
CA PHE A 138 -1.07 -1.81 2.45
C PHE A 138 -0.44 -1.25 3.71
N ASN A 139 0.11 -0.05 3.66
CA ASN A 139 0.60 0.52 4.89
C ASN A 139 0.42 2.01 4.96
N LEU A 140 0.54 2.54 6.17
CA LEU A 140 0.37 3.97 6.42
C LEU A 140 1.49 4.36 7.38
N TRP A 141 2.31 5.31 6.94
CA TRP A 141 3.48 5.71 7.70
C TRP A 141 3.89 7.14 7.34
N SER A 142 5.07 7.55 7.82
CA SER A 142 5.58 8.87 7.52
C SER A 142 7.06 8.76 7.18
N SER A 143 7.45 9.39 6.08
CA SER A 143 8.83 9.35 5.62
C SER A 143 9.66 10.49 6.17
N GLU A 144 10.92 10.19 6.49
CA GLU A 144 11.83 11.21 6.99
C GLU A 144 12.30 12.13 5.87
N SER A 145 11.94 11.81 4.62
CA SER A 145 12.34 12.62 3.49
C SER A 145 11.28 13.69 3.19
N ALA A 146 11.48 14.88 3.73
CA ALA A 146 10.53 15.98 3.53
C ALA A 146 10.42 16.35 2.06
N ALA A 147 11.50 16.18 1.31
CA ALA A 147 11.48 16.49 -0.12
C ALA A 147 10.47 15.61 -0.87
N TRP A 148 10.28 14.39 -0.39
CA TRP A 148 9.38 13.46 -1.04
C TRP A 148 7.92 13.59 -0.61
N VAL A 149 7.70 13.73 0.70
CA VAL A 149 6.34 13.79 1.20
C VAL A 149 5.91 15.07 1.91
N GLY A 150 6.86 15.98 2.10
CA GLY A 150 6.57 17.23 2.80
C GLY A 150 6.96 17.06 4.26
N GLN A 151 7.13 18.18 4.98
CA GLN A 151 7.46 18.13 6.40
C GLN A 151 6.28 17.49 7.12
N PHE A 152 6.57 16.66 8.12
CA PHE A 152 5.52 15.95 8.85
C PHE A 152 4.74 16.87 9.79
N ASP A 153 3.45 17.03 9.52
CA ASP A 153 2.58 17.86 10.35
C ASP A 153 1.87 16.98 11.38
N GLU A 154 2.48 16.85 12.55
CA GLU A 154 1.91 16.02 13.62
C GLU A 154 0.53 16.47 14.09
N SER A 155 0.20 17.76 13.92
CA SER A 155 -1.10 18.23 14.38
C SER A 155 -2.24 17.61 13.58
N LYS A 156 -1.92 16.97 12.45
CA LYS A 156 -2.96 16.35 11.63
C LYS A 156 -3.29 14.93 12.07
N LEU A 157 -2.51 14.42 13.01
CA LEU A 157 -2.75 13.08 13.54
C LEU A 157 -3.96 13.12 14.48
N PRO A 158 -4.72 12.03 14.57
CA PRO A 158 -4.54 10.75 13.86
C PRO A 158 -5.11 10.76 12.46
N LEU A 159 -4.56 9.90 11.61
CA LEU A 159 -5.00 9.74 10.23
C LEU A 159 -5.38 8.28 10.01
N PHE A 160 -6.37 8.05 9.16
CA PHE A 160 -6.88 6.72 8.90
C PHE A 160 -7.04 6.43 7.41
N GLN A 161 -6.63 5.22 7.02
CA GLN A 161 -6.77 4.73 5.65
C GLN A 161 -7.84 3.65 5.79
N PHE A 162 -8.87 3.70 4.96
CA PHE A 162 -9.97 2.73 5.03
C PHE A 162 -10.02 1.79 3.84
N ILE A 163 -10.08 0.49 4.12
CA ILE A 163 -10.18 -0.49 3.04
C ILE A 163 -11.53 -1.19 3.17
N ASN A 164 -12.39 -1.05 2.15
CA ASN A 164 -13.73 -1.65 2.20
C ASN A 164 -13.74 -3.11 1.79
N TRP A 165 -12.92 -3.43 0.79
CA TRP A 165 -12.81 -4.79 0.30
C TRP A 165 -11.57 -4.94 -0.59
N VAL A 166 -11.16 -6.19 -0.80
CA VAL A 166 -10.02 -6.55 -1.62
C VAL A 166 -10.39 -7.75 -2.48
N LYS A 167 -9.87 -7.78 -3.70
CA LYS A 167 -10.09 -8.89 -4.63
C LYS A 167 -8.71 -9.32 -5.14
N VAL A 168 -8.47 -10.63 -5.15
CA VAL A 168 -7.20 -11.15 -5.67
C VAL A 168 -7.53 -12.16 -6.76
N TYR A 169 -6.97 -11.93 -7.95
CA TYR A 169 -7.20 -12.79 -9.11
C TYR A 169 -5.93 -13.54 -9.49
N LYS A 170 -6.10 -14.76 -9.97
CA LYS A 170 -4.98 -15.56 -10.40
C LYS A 170 -4.71 -15.21 -11.85
N TYR A 171 -3.46 -15.32 -12.26
CA TYR A 171 -3.09 -15.06 -13.64
C TYR A 171 -3.42 -16.32 -14.43
N THR A 172 -4.34 -16.19 -15.37
CA THR A 172 -4.75 -17.33 -16.18
C THR A 172 -4.68 -17.01 -17.67
N SER A 180 -10.49 -11.96 -20.20
CA SER A 180 -9.28 -11.37 -19.57
C SER A 180 -8.24 -12.43 -19.27
N ASP A 181 -7.11 -12.02 -18.68
CA ASP A 181 -6.04 -12.94 -18.33
C ASP A 181 -6.14 -13.31 -16.85
N PHE A 182 -7.23 -12.92 -16.19
CA PHE A 182 -7.37 -13.18 -14.77
C PHE A 182 -8.66 -13.85 -14.31
N THR A 183 -8.53 -14.74 -13.34
CA THR A 183 -9.66 -15.46 -12.78
C THR A 183 -9.68 -15.16 -11.28
N LEU A 184 -10.82 -14.70 -10.78
CA LEU A 184 -10.94 -14.38 -9.37
C LEU A 184 -10.56 -15.57 -8.48
N ASP A 185 -9.69 -15.33 -7.50
CA ASP A 185 -9.20 -16.36 -6.58
C ASP A 185 -9.89 -16.24 -5.22
N TRP A 186 -9.89 -15.04 -4.65
CA TRP A 186 -10.57 -14.83 -3.38
C TRP A 186 -10.86 -13.35 -3.16
N THR A 187 -11.77 -13.08 -2.23
CA THR A 187 -12.14 -11.71 -1.90
C THR A 187 -12.31 -11.59 -0.39
N ASP A 188 -12.22 -10.37 0.11
CA ASP A 188 -12.40 -10.13 1.53
C ASP A 188 -13.15 -8.83 1.63
N ASN A 189 -14.32 -8.86 2.28
CA ASN A 189 -15.11 -7.65 2.45
C ASN A 189 -14.89 -7.00 3.81
N PHE A 190 -13.95 -7.59 4.55
CA PHE A 190 -13.56 -7.08 5.86
C PHE A 190 -14.60 -6.91 6.93
N ASP A 191 -15.53 -7.86 7.01
CA ASP A 191 -16.52 -7.80 8.07
C ASP A 191 -15.78 -8.21 9.35
N THR A 192 -14.61 -8.82 9.17
CA THR A 192 -13.80 -9.26 10.30
C THR A 192 -12.35 -9.36 9.84
N PHE A 193 -11.42 -9.49 10.79
CA PHE A 193 -10.01 -9.65 10.44
C PHE A 193 -9.78 -11.15 10.33
N ASP A 194 -9.45 -11.59 9.12
CA ASP A 194 -9.21 -13.01 8.87
C ASP A 194 -7.72 -13.33 9.06
N GLY A 195 -7.38 -13.84 10.24
CA GLY A 195 -6.00 -14.18 10.55
C GLY A 195 -5.41 -15.34 9.79
N SER A 196 -6.22 -16.02 8.98
CA SER A 196 -5.69 -17.13 8.19
C SER A 196 -5.26 -16.61 6.83
N ARG A 197 -5.62 -15.36 6.56
CA ARG A 197 -5.31 -14.72 5.28
C ARG A 197 -4.33 -13.56 5.41
N TRP A 198 -4.49 -12.79 6.48
CA TRP A 198 -3.68 -11.60 6.70
C TRP A 198 -2.80 -11.61 7.93
N GLY A 199 -1.75 -10.81 7.83
CA GLY A 199 -0.84 -10.61 8.94
C GLY A 199 -0.83 -9.11 9.20
N LYS A 200 -0.37 -8.72 10.38
CA LYS A 200 -0.27 -7.31 10.78
C LYS A 200 1.20 -7.00 11.02
N GLY A 201 1.74 -6.03 10.30
CA GLY A 201 3.15 -5.73 10.46
C GLY A 201 3.57 -5.11 11.77
N ASP A 202 4.70 -5.57 12.31
CA ASP A 202 5.25 -5.05 13.55
C ASP A 202 6.75 -4.90 13.33
N TYR A 203 7.13 -3.84 12.64
CA TYR A 203 8.53 -3.58 12.34
C TYR A 203 8.65 -2.19 11.77
N THR A 204 9.86 -1.83 11.37
CA THR A 204 10.09 -0.52 10.78
C THR A 204 11.30 -0.64 9.85
N PHE A 205 11.72 0.48 9.29
CA PHE A 205 12.89 0.51 8.40
C PHE A 205 13.45 1.92 8.39
N ASP A 206 14.70 2.05 7.98
CA ASP A 206 15.31 3.38 7.95
C ASP A 206 14.58 4.31 6.99
N GLY A 207 14.32 5.52 7.46
CA GLY A 207 13.63 6.50 6.64
C GLY A 207 12.16 6.56 7.00
N ASN A 208 11.72 5.62 7.85
CA ASN A 208 10.34 5.59 8.31
C ASN A 208 10.36 6.15 9.72
N ARG A 209 9.62 7.24 9.96
CA ARG A 209 9.55 7.87 11.28
C ARG A 209 8.70 7.07 12.27
N VAL A 210 7.97 6.08 11.77
CA VAL A 210 7.07 5.32 12.64
C VAL A 210 7.38 3.84 12.75
N ASP A 211 6.86 3.24 13.81
CA ASP A 211 6.96 1.80 13.99
C ASP A 211 5.62 1.30 13.46
N LEU A 212 5.64 0.36 12.54
CA LEU A 212 4.40 -0.22 12.03
C LEU A 212 4.01 -1.18 13.16
N THR A 213 2.77 -1.08 13.64
CA THR A 213 2.35 -1.90 14.76
C THR A 213 0.97 -2.49 14.58
N ASP A 214 0.80 -3.73 15.04
CA ASP A 214 -0.50 -4.36 14.91
C ASP A 214 -1.54 -3.64 15.74
N LYS A 215 -1.10 -2.76 16.64
CA LYS A 215 -2.04 -2.01 17.45
C LYS A 215 -2.87 -1.04 16.59
N ASN A 216 -2.35 -0.64 15.43
CA ASN A 216 -3.07 0.31 14.61
C ASN A 216 -3.81 -0.26 13.39
N ILE A 217 -4.15 -1.55 13.47
CA ILE A 217 -4.97 -2.20 12.44
C ILE A 217 -6.29 -2.46 13.15
N TYR A 218 -7.38 -1.93 12.61
CA TYR A 218 -8.71 -2.08 13.20
C TYR A 218 -9.70 -2.64 12.20
N SER A 219 -10.69 -3.35 12.71
CA SER A 219 -11.74 -3.93 11.88
C SER A 219 -13.04 -3.35 12.44
N ARG A 220 -13.63 -2.40 11.72
CA ARG A 220 -14.87 -1.76 12.19
C ARG A 220 -15.86 -1.53 11.07
N ASP A 221 -17.11 -1.90 11.33
CA ASP A 221 -18.21 -1.69 10.40
C ASP A 221 -17.94 -2.04 8.94
N GLY A 222 -17.41 -3.25 8.72
CA GLY A 222 -17.14 -3.71 7.37
C GLY A 222 -15.91 -3.14 6.69
N MET A 223 -15.05 -2.52 7.49
CA MET A 223 -13.84 -1.91 6.94
C MET A 223 -12.61 -2.29 7.72
N LEU A 224 -11.48 -2.35 7.01
CA LEU A 224 -10.19 -2.61 7.62
C LEU A 224 -9.62 -1.20 7.69
N ILE A 225 -9.22 -0.78 8.89
CA ILE A 225 -8.69 0.56 9.07
C ILE A 225 -7.22 0.53 9.50
N LEU A 226 -6.39 1.30 8.80
CA LEU A 226 -4.98 1.42 9.17
C LEU A 226 -4.87 2.81 9.77
N ALA A 227 -4.22 2.93 10.92
CA ALA A 227 -4.10 4.24 11.55
C ALA A 227 -2.66 4.69 11.73
N LEU A 228 -2.47 6.01 11.69
CA LEU A 228 -1.17 6.63 11.91
C LEU A 228 -1.45 7.54 13.10
N THR A 229 -0.80 7.25 14.23
CA THR A 229 -1.02 8.01 15.45
C THR A 229 0.28 8.31 16.17
N ARG A 230 0.20 9.19 17.15
CA ARG A 230 1.37 9.47 17.96
C ARG A 230 1.50 8.20 18.82
N LYS A 231 2.72 7.84 19.22
CA LYS A 231 2.87 6.64 20.04
C LYS A 231 2.15 6.88 21.37
N GLY A 232 1.42 5.88 21.84
CA GLY A 232 0.68 6.03 23.07
C GLY A 232 -0.76 6.48 22.86
N GLN A 233 -1.10 6.87 21.64
CA GLN A 233 -2.46 7.31 21.33
C GLN A 233 -3.07 6.43 20.23
N GLU A 234 -2.75 5.14 20.29
CA GLU A 234 -3.25 4.20 19.30
C GLU A 234 -4.70 3.81 19.56
N SER A 235 -5.61 4.43 18.82
CA SER A 235 -7.02 4.12 18.95
C SER A 235 -7.85 4.66 17.79
N PHE A 236 -9.02 4.06 17.61
CA PHE A 236 -9.97 4.50 16.59
C PHE A 236 -11.32 4.42 17.29
N ASN A 237 -11.95 5.56 17.51
CA ASN A 237 -13.26 5.58 18.16
C ASN A 237 -14.29 6.36 17.36
N GLY A 238 -13.89 6.83 16.19
CA GLY A 238 -14.80 7.59 15.35
C GLY A 238 -15.71 6.70 14.53
N GLN A 239 -16.29 7.26 13.49
CA GLN A 239 -17.19 6.52 12.61
C GLN A 239 -16.51 6.31 11.26
N VAL A 240 -16.78 5.15 10.66
CA VAL A 240 -16.23 4.82 9.36
C VAL A 240 -16.96 5.60 8.29
N PRO A 241 -16.26 6.07 7.26
CA PRO A 241 -16.90 6.83 6.19
C PRO A 241 -17.78 5.94 5.32
N ARG A 242 -18.73 6.57 4.64
CA ARG A 242 -19.63 5.82 3.78
C ARG A 242 -19.01 5.63 2.41
N ASP A 243 -19.29 4.50 1.80
CA ASP A 243 -18.82 4.22 0.46
C ASP A 243 -20.10 4.12 -0.37
N ASP A 244 -20.70 5.29 -0.68
CA ASP A 244 -21.93 5.32 -1.45
C ASP A 244 -21.60 5.40 -2.93
C2 BGC B . 11.29 -1.45 3.25
C3 BGC B . 11.36 -2.88 3.81
C4 BGC B . 9.96 -3.35 4.22
C5 BGC B . 8.96 -3.12 3.09
C6 BGC B . 7.56 -3.45 3.58
C1 BGC B . 10.28 -1.42 2.10
O1 BGC B . 10.23 -0.10 1.54
O2 BGC B . 12.59 -1.10 2.75
O3 BGC B . 12.22 -2.87 4.94
O4 BGC B . 10.00 -4.76 4.46
O5 BGC B . 8.98 -1.77 2.62
O6 BGC B . 7.21 -2.57 4.66
C2 BGC B . 9.77 -6.58 5.97
C3 BGC B . 9.79 -7.00 7.44
C4 BGC B . 11.14 -6.60 8.05
C5 BGC B . 11.43 -5.13 7.78
C6 BGC B . 12.85 -4.81 8.28
C1 BGC B . 10.05 -5.09 5.86
O2 BGC B . 8.49 -6.89 5.40
O3 BGC B . 9.62 -8.42 7.52
O4 BGC B . 11.07 -6.81 9.47
O5 BGC B . 11.36 -4.82 6.38
O6 BGC B . 13.15 -3.43 7.98
C TRS C . 7.04 0.95 0.95
C1 TRS C . 5.57 1.19 0.60
C2 TRS C . 7.26 1.06 2.46
C3 TRS C . 7.92 1.97 0.24
N TRS C . 7.41 -0.41 0.51
O1 TRS C . 5.18 2.49 1.04
O2 TRS C . 6.58 -0.01 3.12
O3 TRS C . 7.88 1.74 -1.18
CA CA D . 6.91 18.01 12.25
CA CA E . -16.63 -4.01 3.52
CA CA F . 2.64 -9.07 13.34
CA CA G . -9.53 -19.58 -4.39
#